data_3GR3
#
_entry.id   3GR3
#
_cell.length_a   47.064
_cell.length_b   94.778
_cell.length_c   103.945
_cell.angle_alpha   90.000
_cell.angle_beta   90.000
_cell.angle_gamma   90.000
#
_symmetry.space_group_name_H-M   'P 21 21 21'
#
loop_
_entity.id
_entity.type
_entity.pdbx_description
1 polymer Nitroreductase
2 non-polymer 'FLAVIN MONONUCLEOTIDE'
3 non-polymer 'UNKNOWN LIGAND'
4 non-polymer 'CHLORIDE ION'
5 non-polymer 1,2-ETHANEDIOL
6 non-polymer 'ACETATE ION'
7 water water
#
_entity_poly.entity_id   1
_entity_poly.type   'polypeptide(L)'
_entity_poly.pdbx_seq_one_letter_code
;G(MSE)ADAPIDIFQSILSRKSIRAFTDQPVTQETIREILKLAARAPSGTNLQPWQVIVLTGKILQKVGQELSQLVLSGI
KGEREYHYYPRQWREPYLSRRRKVGLDLYKSLGIQKGDQEK(MSE)LHQKAKNFLFYGAPVGLLFTIDHD(MSE)E
(MSE)GSWLDLG(MSE)F(MSE)QTI(MSE)LAARGFGLDTCAQAAFADYHKQIRSLLSVPSDRHIICG(MSE)ALGYRD
(MSE)NAPENNFETEREPIDNFVHFIKSYP
;
_entity_poly.pdbx_strand_id   A,B
#
# COMPACT_ATOMS: atom_id res chain seq x y z
N ALA A 5 7.41 0.06 26.50
CA ALA A 5 6.56 -1.01 25.88
C ALA A 5 5.66 -0.44 24.76
N PRO A 6 6.14 -0.46 23.50
CA PRO A 6 5.25 -0.01 22.43
C PRO A 6 4.12 -1.00 22.17
N ILE A 7 3.11 -0.47 21.52
CA ILE A 7 1.97 -1.30 21.15
CA ILE A 7 1.94 -1.17 21.03
C ILE A 7 2.38 -2.33 20.12
N ASP A 8 1.64 -3.43 20.14
CA ASP A 8 2.01 -4.55 19.28
C ASP A 8 1.45 -4.40 17.90
N ILE A 9 1.99 -5.18 16.98
CA ILE A 9 1.58 -5.08 15.62
C ILE A 9 0.00 -5.20 15.43
N PHE A 10 -0.61 -6.18 16.10
CA PHE A 10 -2.03 -6.40 15.98
C PHE A 10 -2.82 -5.23 16.56
N GLN A 11 -2.36 -4.69 17.69
CA GLN A 11 -2.98 -3.51 18.28
C GLN A 11 -2.90 -2.30 17.37
N SER A 12 -1.80 -2.15 16.65
CA SER A 12 -1.67 -1.06 15.70
CA SER A 12 -1.66 -1.06 15.71
CA SER A 12 -1.67 -1.07 15.70
C SER A 12 -2.68 -1.20 14.57
N ILE A 13 -2.79 -2.43 14.01
CA ILE A 13 -3.70 -2.65 12.88
C ILE A 13 -5.12 -2.41 13.29
N LEU A 14 -5.50 -2.87 14.47
CA LEU A 14 -6.92 -2.87 14.89
C LEU A 14 -7.31 -1.46 15.39
N SER A 15 -6.35 -0.71 15.96
CA SER A 15 -6.68 0.61 16.51
C SER A 15 -6.59 1.76 15.50
N ARG A 16 -5.91 1.52 14.39
CA ARG A 16 -5.87 2.52 13.33
C ARG A 16 -7.27 2.78 12.81
N LYS A 17 -7.64 4.04 12.72
CA LYS A 17 -8.85 4.44 12.03
C LYS A 17 -8.59 5.78 11.36
N SER A 18 -9.48 6.16 10.43
CA SER A 18 -9.43 7.44 9.79
C SER A 18 -9.96 8.47 10.78
N ILE A 19 -9.08 9.35 11.21
CA ILE A 19 -9.39 10.42 12.18
C ILE A 19 -9.51 11.73 11.46
N ARG A 20 -10.60 12.42 11.73
CA ARG A 20 -11.01 13.63 11.02
C ARG A 20 -11.20 14.83 11.89
N ALA A 21 -10.69 14.76 13.11
CA ALA A 21 -10.64 15.90 14.00
C ALA A 21 -9.45 15.65 14.92
N PHE A 22 -8.62 16.69 15.07
CA PHE A 22 -7.35 16.62 15.81
C PHE A 22 -7.27 17.73 16.83
N THR A 23 -6.49 17.49 17.88
CA THR A 23 -6.19 18.59 18.83
C THR A 23 -5.05 19.44 18.27
N ASP A 24 -4.71 20.52 19.00
CA ASP A 24 -3.57 21.33 18.63
C ASP A 24 -2.24 20.87 19.21
N GLN A 25 -2.19 19.65 19.74
CA GLN A 25 -0.94 19.11 20.28
C GLN A 25 0.06 18.98 19.10
N PRO A 26 1.24 19.59 19.23
CA PRO A 26 2.17 19.53 18.10
C PRO A 26 2.86 18.16 18.01
N VAL A 27 3.34 17.81 16.80
CA VAL A 27 4.15 16.58 16.59
C VAL A 27 5.60 17.02 16.45
N THR A 28 6.49 16.47 17.27
CA THR A 28 7.86 16.86 17.19
C THR A 28 8.46 16.45 15.84
N GLN A 29 9.41 17.24 15.39
CA GLN A 29 10.12 16.96 14.14
C GLN A 29 10.81 15.60 14.20
N GLU A 30 11.36 15.25 15.37
CA GLU A 30 12.01 13.95 15.52
C GLU A 30 11.03 12.79 15.34
N THR A 31 9.81 12.93 15.86
CA THR A 31 8.79 11.90 15.68
C THR A 31 8.39 11.77 14.18
N ILE A 32 8.17 12.89 13.52
CA ILE A 32 7.84 12.86 12.09
C ILE A 32 8.96 12.12 11.33
N ARG A 33 10.22 12.47 11.63
CA ARG A 33 11.38 11.84 10.95
C ARG A 33 11.44 10.34 11.21
N GLU A 34 11.17 9.94 12.46
CA GLU A 34 11.23 8.51 12.75
CA GLU A 34 11.17 8.52 12.84
C GLU A 34 10.11 7.73 12.08
N ILE A 35 8.95 8.30 12.01
CA ILE A 35 7.83 7.68 11.30
C ILE A 35 8.20 7.47 9.82
N LEU A 36 8.77 8.50 9.20
CA LEU A 36 9.10 8.41 7.79
C LEU A 36 10.30 7.44 7.57
N LYS A 37 11.25 7.38 8.51
CA LYS A 37 12.35 6.39 8.36
C LYS A 37 11.77 4.96 8.43
N LEU A 38 10.79 4.74 9.33
CA LEU A 38 10.14 3.44 9.41
C LEU A 38 9.38 3.13 8.12
N ALA A 39 8.62 4.10 7.63
CA ALA A 39 7.84 3.88 6.41
C ALA A 39 8.73 3.57 5.21
N ALA A 40 9.92 4.17 5.18
CA ALA A 40 10.88 3.96 4.06
C ALA A 40 11.29 2.48 4.02
N ARG A 41 11.10 1.73 5.12
CA ARG A 41 11.37 0.28 5.14
C ARG A 41 10.24 -0.57 4.61
N ALA A 42 9.21 0.06 4.08
CA ALA A 42 8.23 -0.64 3.23
C ALA A 42 9.02 -1.32 2.07
N PRO A 43 8.49 -2.46 1.58
CA PRO A 43 9.02 -3.02 0.36
C PRO A 43 8.53 -2.24 -0.85
N SER A 44 9.20 -2.42 -1.98
CA SER A 44 8.83 -1.85 -3.24
C SER A 44 9.46 -2.69 -4.35
N GLY A 45 8.82 -2.73 -5.51
CA GLY A 45 9.38 -3.51 -6.63
C GLY A 45 10.79 -3.08 -6.93
N THR A 46 11.68 -4.06 -7.03
CA THR A 46 13.15 -3.93 -7.18
C THR A 46 13.72 -2.80 -6.31
N ASN A 47 13.14 -2.61 -5.13
CA ASN A 47 13.59 -1.60 -4.16
C ASN A 47 13.67 -0.19 -4.78
N LEU A 48 12.75 0.12 -5.71
CA LEU A 48 12.79 1.41 -6.35
C LEU A 48 12.41 2.55 -5.41
N GLN A 49 11.71 2.29 -4.30
CA GLN A 49 11.35 3.32 -3.34
C GLN A 49 10.80 4.59 -4.02
N PRO A 50 9.70 4.46 -4.80
CA PRO A 50 9.31 5.61 -5.61
C PRO A 50 8.69 6.80 -4.84
N TRP A 51 8.35 6.57 -3.57
CA TRP A 51 7.67 7.58 -2.76
C TRP A 51 8.50 8.81 -2.52
N GLN A 52 7.84 9.95 -2.61
CA GLN A 52 8.40 11.24 -2.31
C GLN A 52 7.38 11.90 -1.41
N VAL A 53 7.84 12.60 -0.36
CA VAL A 53 6.93 13.18 0.63
C VAL A 53 7.22 14.67 0.79
N ILE A 54 6.15 15.46 0.92
CA ILE A 54 6.27 16.84 1.31
C ILE A 54 5.56 16.93 2.69
N VAL A 55 6.26 17.47 3.66
CA VAL A 55 5.79 17.64 5.01
C VAL A 55 5.50 19.10 5.28
N LEU A 56 4.26 19.43 5.58
CA LEU A 56 3.81 20.77 5.89
C LEU A 56 3.48 20.88 7.39
N THR A 57 4.07 21.89 8.04
CA THR A 57 3.71 22.26 9.40
C THR A 57 3.66 23.78 9.53
N GLY A 58 3.18 24.27 10.67
CA GLY A 58 3.28 25.68 10.92
C GLY A 58 2.55 26.57 9.91
N LYS A 59 3.17 27.69 9.61
CA LYS A 59 2.55 28.68 8.78
C LYS A 59 2.17 28.23 7.37
N ILE A 60 3.05 27.43 6.78
CA ILE A 60 2.80 27.00 5.40
C ILE A 60 1.63 25.98 5.40
N LEU A 61 1.53 25.15 6.42
CA LEU A 61 0.41 24.24 6.55
C LEU A 61 -0.88 25.03 6.64
N GLN A 62 -0.89 26.09 7.44
N GLN A 62 -0.87 26.08 7.47
CA GLN A 62 -2.11 26.89 7.58
CA GLN A 62 -2.05 26.93 7.62
C GLN A 62 -2.44 27.58 6.25
C GLN A 62 -2.42 27.58 6.29
N LYS A 63 -1.41 28.12 5.60
CA LYS A 63 -1.64 28.82 4.30
C LYS A 63 -2.19 27.89 3.26
N VAL A 64 -1.52 26.77 3.06
CA VAL A 64 -1.99 25.80 2.05
C VAL A 64 -3.42 25.34 2.37
N GLY A 65 -3.69 24.99 3.61
CA GLY A 65 -5.00 24.51 3.98
C GLY A 65 -6.05 25.54 3.80
N GLN A 66 -5.77 26.77 4.24
CA GLN A 66 -6.76 27.80 4.08
C GLN A 66 -7.01 28.14 2.62
N GLU A 67 -5.97 28.17 1.80
CA GLU A 67 -6.16 28.48 0.39
C GLU A 67 -7.00 27.38 -0.30
N LEU A 68 -6.65 26.12 -0.06
CA LEU A 68 -7.38 25.02 -0.74
C LEU A 68 -8.83 24.89 -0.26
N SER A 69 -9.07 25.10 1.04
CA SER A 69 -10.43 25.10 1.58
CA SER A 69 -10.45 25.11 1.56
CA SER A 69 -10.45 25.04 1.51
C SER A 69 -11.25 26.17 0.86
N GLN A 70 -10.65 27.35 0.65
CA GLN A 70 -11.37 28.41 -0.04
C GLN A 70 -11.71 28.02 -1.46
N LEU A 71 -10.89 27.24 -2.15
CA LEU A 71 -11.23 26.82 -3.55
C LEU A 71 -12.55 26.01 -3.48
N VAL A 72 -12.68 25.06 -2.54
CA VAL A 72 -13.88 24.29 -2.42
C VAL A 72 -15.09 25.16 -2.13
N LEU A 73 -14.94 26.03 -1.14
CA LEU A 73 -16.05 26.86 -0.72
C LEU A 73 -16.45 27.88 -1.76
N SER A 74 -15.51 28.27 -2.63
CA SER A 74 -15.79 29.15 -3.72
C SER A 74 -16.45 28.45 -4.91
N GLY A 75 -16.52 27.14 -4.90
CA GLY A 75 -17.19 26.42 -6.00
C GLY A 75 -16.28 26.07 -7.14
N ILE A 76 -14.97 26.10 -6.93
CA ILE A 76 -14.00 25.75 -7.97
C ILE A 76 -13.98 24.22 -7.99
N LYS A 77 -14.35 23.62 -9.12
CA LYS A 77 -14.42 22.17 -9.26
CA LYS A 77 -14.41 22.16 -9.19
C LYS A 77 -13.03 21.54 -9.26
N GLY A 78 -12.95 20.37 -8.67
CA GLY A 78 -11.70 19.63 -8.69
C GLY A 78 -11.41 19.14 -10.07
N GLU A 79 -10.13 18.96 -10.37
CA GLU A 79 -9.69 18.41 -11.65
C GLU A 79 -8.55 17.45 -11.38
N ARG A 80 -8.84 16.15 -11.39
CA ARG A 80 -7.80 15.17 -11.08
C ARG A 80 -7.08 14.71 -12.34
N GLU A 81 -5.82 14.31 -12.16
CA GLU A 81 -4.97 13.80 -13.26
C GLU A 81 -5.26 12.34 -13.59
N TYR A 82 -5.72 11.65 -12.58
CA TYR A 82 -5.95 10.18 -12.61
C TYR A 82 -7.36 9.90 -12.13
N HIS A 83 -7.81 8.71 -12.52
CA HIS A 83 -9.06 8.15 -12.00
C HIS A 83 -8.77 7.36 -10.77
N TYR A 84 -9.34 7.77 -9.64
CA TYR A 84 -9.10 7.07 -8.37
C TYR A 84 -10.19 6.03 -8.09
N TYR A 85 -11.44 6.45 -8.30
CA TYR A 85 -12.60 5.64 -8.00
C TYR A 85 -13.20 5.12 -9.28
N PRO A 86 -14.06 4.11 -9.16
CA PRO A 86 -14.72 3.58 -10.34
C PRO A 86 -15.46 4.64 -11.15
N ARG A 87 -15.40 4.52 -12.48
CA ARG A 87 -16.16 5.40 -13.35
CA ARG A 87 -16.16 5.37 -13.40
C ARG A 87 -17.59 4.87 -13.42
N GLN A 88 -17.73 3.54 -13.41
CA GLN A 88 -19.03 2.85 -13.36
C GLN A 88 -19.19 2.32 -11.94
N TRP A 89 -20.07 2.98 -11.20
CA TRP A 89 -20.42 2.57 -9.84
C TRP A 89 -21.47 1.47 -9.83
N ARG A 90 -21.21 0.43 -9.06
CA ARG A 90 -22.14 -0.67 -8.92
C ARG A 90 -21.94 -1.42 -7.61
N GLU A 91 -22.85 -2.33 -7.30
CA GLU A 91 -22.74 -3.12 -6.07
C GLU A 91 -21.63 -4.16 -6.21
N PRO A 92 -20.97 -4.53 -5.08
CA PRO A 92 -21.21 -4.12 -3.68
C PRO A 92 -20.51 -2.82 -3.27
N TYR A 93 -19.83 -2.18 -4.22
CA TYR A 93 -19.01 -1.01 -3.94
C TYR A 93 -19.91 0.18 -3.57
N LEU A 94 -21.01 0.35 -4.30
N LEU A 94 -21.03 0.34 -4.26
CA LEU A 94 -22.05 1.34 -3.98
CA LEU A 94 -22.01 1.40 -3.96
C LEU A 94 -22.38 1.34 -2.49
C LEU A 94 -22.49 1.38 -2.50
N SER A 95 -22.82 0.19 -2.00
CA SER A 95 -23.27 0.08 -0.60
CA SER A 95 -23.26 0.04 -0.59
C SER A 95 -22.16 0.37 0.42
N ARG A 96 -20.91 -0.03 0.12
CA ARG A 96 -19.80 0.21 1.03
C ARG A 96 -19.59 1.70 1.17
N ARG A 97 -19.54 2.38 0.04
CA ARG A 97 -19.33 3.83 0.00
CA ARG A 97 -19.33 3.83 -0.01
C ARG A 97 -20.47 4.57 0.72
N ARG A 98 -21.69 4.15 0.42
CA ARG A 98 -22.89 4.76 0.98
CA ARG A 98 -22.87 4.79 0.99
C ARG A 98 -22.91 4.64 2.51
N LYS A 99 -22.57 3.46 3.03
CA LYS A 99 -22.56 3.28 4.47
C LYS A 99 -21.57 4.15 5.24
N VAL A 100 -20.31 4.21 4.81
CA VAL A 100 -19.35 5.03 5.55
C VAL A 100 -19.68 6.51 5.41
N GLY A 101 -20.23 6.93 4.27
CA GLY A 101 -20.57 8.33 4.07
C GLY A 101 -21.76 8.71 4.93
N LEU A 102 -22.76 7.85 4.96
CA LEU A 102 -23.95 8.07 5.83
C LEU A 102 -23.59 8.04 7.31
N ASP A 103 -22.72 7.13 7.71
CA ASP A 103 -22.26 7.09 9.11
C ASP A 103 -21.44 8.32 9.52
N LEU A 104 -20.57 8.81 8.62
CA LEU A 104 -19.89 10.05 8.89
C LEU A 104 -20.89 11.20 9.02
N TYR A 105 -21.82 11.33 8.10
CA TYR A 105 -22.77 12.43 8.15
C TYR A 105 -23.62 12.33 9.41
N LYS A 106 -24.03 11.13 9.77
CA LYS A 106 -24.86 10.98 10.97
C LYS A 106 -24.10 11.44 12.23
N SER A 107 -22.80 11.12 12.29
CA SER A 107 -22.00 11.56 13.44
C SER A 107 -21.91 13.08 13.56
N LEU A 108 -22.01 13.75 12.41
CA LEU A 108 -21.91 15.20 12.33
C LEU A 108 -23.24 15.92 12.27
N GLY A 109 -24.34 15.17 12.31
CA GLY A 109 -25.68 15.77 12.20
C GLY A 109 -26.00 16.38 10.86
N ILE A 110 -25.42 15.86 9.80
CA ILE A 110 -25.65 16.36 8.44
C ILE A 110 -26.73 15.52 7.78
N GLN A 111 -27.79 16.15 7.33
CA GLN A 111 -28.79 15.41 6.52
C GLN A 111 -28.36 15.28 5.08
N LYS A 112 -28.59 14.12 4.46
CA LYS A 112 -28.18 13.93 3.08
C LYS A 112 -28.90 15.02 2.26
N GLY A 113 -28.12 15.65 1.38
CA GLY A 113 -28.70 16.67 0.48
C GLY A 113 -28.57 18.09 1.01
N ASP A 114 -28.15 18.27 2.27
CA ASP A 114 -27.90 19.62 2.83
C ASP A 114 -26.59 20.08 2.24
N GLN A 115 -26.62 20.83 1.14
CA GLN A 115 -25.43 21.09 0.41
C GLN A 115 -24.47 22.02 1.12
N GLU A 116 -25.00 22.97 1.89
CA GLU A 116 -24.12 23.85 2.66
C GLU A 116 -23.30 23.08 3.66
N LYS A 117 -23.95 22.23 4.43
CA LYS A 117 -23.21 21.42 5.39
C LYS A 117 -22.24 20.46 4.73
N LEU A 119 -20.74 20.79 1.90
CA LEU A 119 -19.61 21.52 1.35
C LEU A 119 -18.64 21.92 2.44
N HIS A 120 -19.16 22.40 3.58
CA HIS A 120 -18.37 22.79 4.80
CA HIS A 120 -18.27 22.76 4.67
C HIS A 120 -17.51 21.59 5.21
N GLN A 121 -18.15 20.43 5.26
CA GLN A 121 -17.44 19.23 5.70
C GLN A 121 -16.40 18.79 4.66
N LYS A 122 -16.73 18.79 3.39
CA LYS A 122 -15.80 18.50 2.33
C LYS A 122 -14.58 19.42 2.43
N ALA A 123 -14.80 20.72 2.64
CA ALA A 123 -13.72 21.68 2.68
C ALA A 123 -12.72 21.37 3.78
N LYS A 124 -13.21 20.77 4.90
CA LYS A 124 -12.29 20.43 5.98
C LYS A 124 -11.20 19.47 5.59
N ASN A 125 -11.46 18.64 4.58
CA ASN A 125 -10.39 17.80 4.03
C ASN A 125 -9.11 18.59 3.76
N PHE A 126 -9.26 19.76 3.16
CA PHE A 126 -8.13 20.52 2.60
C PHE A 126 -7.34 21.22 3.67
N LEU A 127 -7.88 21.27 4.90
CA LEU A 127 -7.15 21.69 6.10
C LEU A 127 -6.48 20.49 6.73
N PHE A 128 -6.41 19.35 6.06
CA PHE A 128 -5.99 18.08 6.67
C PHE A 128 -6.78 17.85 7.96
N TYR A 129 -8.07 18.19 7.94
CA TYR A 129 -8.93 17.98 9.07
C TYR A 129 -8.40 18.67 10.35
N GLY A 130 -7.62 19.74 10.17
CA GLY A 130 -7.08 20.48 11.30
C GLY A 130 -5.88 19.87 11.95
N ALA A 131 -5.30 18.85 11.34
CA ALA A 131 -4.08 18.22 11.88
C ALA A 131 -2.92 19.16 11.92
N PRO A 132 -1.97 18.94 12.84
CA PRO A 132 -0.78 19.76 12.89
C PRO A 132 0.34 19.43 11.87
N VAL A 133 0.17 18.30 11.17
CA VAL A 133 1.05 17.90 10.11
C VAL A 133 0.22 17.47 8.91
N GLY A 134 0.56 18.02 7.75
CA GLY A 134 0.00 17.60 6.50
C GLY A 134 1.07 16.99 5.60
N LEU A 135 0.76 15.79 5.11
CA LEU A 135 1.67 15.07 4.21
C LEU A 135 1.11 15.04 2.80
N LEU A 136 1.93 15.32 1.78
CA LEU A 136 1.55 15.14 0.40
C LEU A 136 2.55 14.16 -0.21
N PHE A 137 2.03 13.26 -1.03
CA PHE A 137 2.83 12.23 -1.66
C PHE A 137 2.91 12.44 -3.14
N THR A 138 4.10 12.37 -3.70
CA THR A 138 4.32 12.53 -5.11
C THR A 138 5.15 11.34 -5.61
N ILE A 139 5.11 11.14 -6.92
CA ILE A 139 5.98 10.15 -7.58
CA ILE A 139 5.87 10.09 -7.62
C ILE A 139 6.43 10.69 -8.92
N ASP A 140 7.59 10.24 -9.36
CA ASP A 140 8.18 10.65 -10.60
CA ASP A 140 8.14 10.73 -10.61
C ASP A 140 7.29 10.30 -11.81
N HIS A 141 7.28 11.14 -12.83
CA HIS A 141 6.49 10.88 -14.03
C HIS A 141 6.86 9.58 -14.79
N ASP A 142 8.07 9.05 -14.63
CA ASP A 142 8.45 7.83 -15.38
C ASP A 142 7.88 6.57 -14.69
N GLU A 144 5.34 3.71 -13.29
CA GLU A 144 4.14 3.04 -13.83
C GLU A 144 3.27 2.48 -12.66
N GLY A 146 2.96 -0.25 -10.92
CA GLY A 146 3.55 -0.88 -9.78
C GLY A 146 3.85 0.06 -8.67
N SER A 147 4.23 1.28 -9.04
CA SER A 147 4.63 2.23 -8.02
CA SER A 147 4.63 2.28 -8.05
C SER A 147 3.46 2.65 -7.15
N TRP A 148 2.23 2.48 -7.64
CA TRP A 148 1.06 2.77 -6.83
C TRP A 148 0.86 1.70 -5.75
N LEU A 149 1.21 0.43 -6.04
CA LEU A 149 1.21 -0.57 -4.99
C LEU A 149 2.22 -0.18 -3.90
N ASP A 150 3.42 0.19 -4.38
CA ASP A 150 4.51 0.56 -3.51
C ASP A 150 4.09 1.73 -2.59
N LEU A 151 3.52 2.76 -3.21
CA LEU A 151 3.07 3.93 -2.46
C LEU A 151 2.04 3.57 -1.40
N GLY A 152 1.08 2.66 -1.72
CA GLY A 152 0.11 2.20 -0.71
C GLY A 152 0.79 1.49 0.42
N PHE A 154 3.88 2.00 1.49
CA PHE A 154 4.54 3.08 2.25
C PHE A 154 3.53 3.85 3.13
N GLN A 156 0.51 2.91 4.27
CA GLN A 156 0.01 2.07 5.37
C GLN A 156 1.09 1.94 6.45
N THR A 157 2.35 1.88 6.06
CA THR A 157 3.41 1.79 7.05
C THR A 157 3.43 3.05 7.92
N ILE A 158 3.25 4.23 7.31
CA ILE A 158 3.12 5.48 8.08
C ILE A 158 1.97 5.34 9.11
N LEU A 160 0.40 2.75 10.40
CA LEU A 160 0.66 1.85 11.46
C LEU A 160 1.76 2.27 12.39
N ALA A 161 2.84 2.76 11.84
CA ALA A 161 3.92 3.31 12.64
C ALA A 161 3.42 4.42 13.57
N ALA A 162 2.53 5.27 13.04
CA ALA A 162 1.99 6.40 13.82
C ALA A 162 1.33 5.90 15.07
N ARG A 163 0.67 4.74 14.99
CA ARG A 163 0.00 4.18 16.20
C ARG A 163 0.99 3.84 17.30
N GLY A 164 2.23 3.49 16.90
CA GLY A 164 3.33 3.28 17.83
C GLY A 164 3.72 4.46 18.69
N PHE A 165 3.37 5.67 18.21
CA PHE A 165 3.61 6.90 18.89
C PHE A 165 2.35 7.50 19.49
N GLY A 166 1.24 6.75 19.42
CA GLY A 166 -0.02 7.30 19.92
C GLY A 166 -0.60 8.35 18.99
N LEU A 167 -0.14 8.39 17.75
CA LEU A 167 -0.63 9.28 16.71
C LEU A 167 -1.71 8.65 15.85
N ASP A 168 -2.43 9.50 15.13
CA ASP A 168 -3.46 9.10 14.20
C ASP A 168 -3.29 9.77 12.84
N THR A 169 -3.98 9.18 11.87
CA THR A 169 -3.88 9.62 10.50
C THR A 169 -5.27 9.64 9.85
N CYS A 170 -5.33 10.29 8.66
CA CYS A 170 -6.38 10.07 7.66
C CYS A 170 -5.75 10.13 6.28
N ALA A 171 -5.79 9.01 5.54
CA ALA A 171 -5.42 9.06 4.11
C ALA A 171 -6.41 9.90 3.39
N GLN A 172 -5.93 10.72 2.44
CA GLN A 172 -6.78 11.66 1.75
C GLN A 172 -6.48 11.79 0.23
N ALA A 173 -7.33 11.18 -0.59
CA ALA A 173 -7.26 11.44 -2.03
C ALA A 173 -7.79 12.79 -2.40
N ALA A 174 -8.52 13.47 -1.52
CA ALA A 174 -9.11 14.78 -1.83
C ALA A 174 -8.12 15.71 -2.49
N PHE A 175 -6.88 15.73 -1.99
CA PHE A 175 -5.86 16.67 -2.48
C PHE A 175 -5.64 16.58 -3.99
N ALA A 176 -5.87 15.40 -4.56
CA ALA A 176 -5.70 15.22 -6.04
C ALA A 176 -6.56 16.19 -6.82
N ASP A 177 -7.66 16.64 -6.24
CA ASP A 177 -8.58 17.59 -6.86
C ASP A 177 -7.90 18.89 -7.29
N TYR A 178 -6.91 19.32 -6.50
CA TYR A 178 -6.27 20.64 -6.70
C TYR A 178 -4.79 20.50 -6.87
N HIS A 179 -4.39 19.47 -7.60
CA HIS A 179 -2.96 19.30 -7.89
C HIS A 179 -2.33 20.52 -8.59
N LYS A 180 -3.06 21.21 -9.46
CA LYS A 180 -2.50 22.39 -10.11
CA LYS A 180 -2.53 22.42 -10.11
C LYS A 180 -2.16 23.48 -9.10
N GLN A 181 -3.10 23.80 -8.18
CA GLN A 181 -2.80 24.82 -7.17
C GLN A 181 -1.76 24.41 -6.16
N ILE A 182 -1.73 23.14 -5.81
CA ILE A 182 -0.72 22.65 -4.91
C ILE A 182 0.68 22.81 -5.54
N ARG A 183 0.77 22.46 -6.81
CA ARG A 183 2.01 22.59 -7.58
C ARG A 183 2.50 24.03 -7.53
N SER A 184 1.58 24.98 -7.76
CA SER A 184 1.92 26.40 -7.70
CA SER A 184 1.94 26.39 -7.70
C SER A 184 2.35 26.84 -6.30
N LEU A 185 1.57 26.45 -5.27
CA LEU A 185 1.84 26.89 -3.90
C LEU A 185 3.19 26.42 -3.37
N LEU A 186 3.55 25.19 -3.72
CA LEU A 186 4.75 24.54 -3.17
C LEU A 186 5.91 24.36 -4.15
N SER A 187 5.76 24.92 -5.35
CA SER A 187 6.79 24.83 -6.41
C SER A 187 7.21 23.39 -6.64
N VAL A 188 6.20 22.53 -6.81
CA VAL A 188 6.50 21.12 -7.00
C VAL A 188 7.07 20.94 -8.44
N PRO A 189 8.22 20.29 -8.56
CA PRO A 189 8.84 20.14 -9.88
C PRO A 189 7.90 19.44 -10.87
N SER A 190 7.96 19.86 -12.11
CA SER A 190 7.00 19.44 -13.13
C SER A 190 7.05 17.94 -13.37
N ASP A 191 8.19 17.29 -13.14
CA ASP A 191 8.32 15.85 -13.37
C ASP A 191 7.77 14.97 -12.25
N ARG A 192 7.22 15.57 -11.21
CA ARG A 192 6.59 14.86 -10.11
C ARG A 192 5.11 15.04 -10.17
N HIS A 193 4.37 13.97 -9.90
CA HIS A 193 2.92 14.07 -9.84
C HIS A 193 2.41 13.90 -8.42
N ILE A 194 1.47 14.75 -7.99
CA ILE A 194 0.85 14.69 -6.72
C ILE A 194 -0.20 13.58 -6.75
N ILE A 195 -0.05 12.59 -5.89
CA ILE A 195 -0.99 11.46 -5.89
C ILE A 195 -2.08 11.62 -4.82
N CYS A 196 -1.71 12.01 -3.61
CA CYS A 196 -2.68 12.15 -2.52
CA CYS A 196 -2.58 11.85 -2.43
C CYS A 196 -1.99 12.70 -1.30
N GLY A 197 -2.78 12.93 -0.25
CA GLY A 197 -2.24 13.43 0.99
C GLY A 197 -2.62 12.57 2.18
N ALA A 199 -3.38 13.38 6.59
CA ALA A 199 -3.35 14.11 7.87
C ALA A 199 -2.62 13.27 8.91
N LEU A 200 -1.84 13.93 9.77
CA LEU A 200 -1.13 13.27 10.88
C LEU A 200 -1.18 14.17 12.13
N GLY A 201 -1.56 13.54 13.24
CA GLY A 201 -1.76 14.31 14.45
C GLY A 201 -2.41 13.51 15.54
N TYR A 202 -2.61 14.17 16.69
CA TYR A 202 -3.21 13.53 17.85
C TYR A 202 -4.72 13.71 17.77
N ARG A 203 -5.48 12.61 17.85
CA ARG A 203 -6.92 12.71 17.67
C ARG A 203 -7.60 13.54 18.76
N ASP A 204 -8.65 14.23 18.39
CA ASP A 204 -9.61 14.81 19.30
C ASP A 204 -10.52 13.70 19.73
N ASN A 206 -12.93 13.03 21.72
CA ASN A 206 -14.36 13.14 21.90
C ASN A 206 -15.15 13.73 20.71
N ALA A 207 -14.47 14.10 19.64
CA ALA A 207 -15.17 14.55 18.42
C ALA A 207 -16.07 13.40 17.93
N PRO A 208 -17.35 13.65 17.61
CA PRO A 208 -18.24 12.54 17.27
CA PRO A 208 -18.23 12.54 17.27
C PRO A 208 -17.80 11.82 15.99
N GLU A 209 -17.19 12.54 15.06
CA GLU A 209 -16.70 11.91 13.85
C GLU A 209 -15.58 10.96 14.04
N ASN A 210 -14.97 10.97 15.24
CA ASN A 210 -13.90 10.02 15.58
C ASN A 210 -14.43 8.82 16.36
N ASN A 211 -15.75 8.72 16.54
CA ASN A 211 -16.38 7.73 17.38
C ASN A 211 -17.47 6.96 16.73
N PHE A 212 -17.38 6.73 15.44
CA PHE A 212 -18.25 5.73 14.78
C PHE A 212 -17.41 4.60 14.26
N GLU A 213 -18.08 3.50 13.96
CA GLU A 213 -17.43 2.27 13.54
CA GLU A 213 -17.40 2.29 13.53
C GLU A 213 -17.54 2.11 12.01
N THR A 214 -16.54 1.48 11.40
CA THR A 214 -16.61 1.04 10.02
C THR A 214 -16.67 -0.49 9.98
N GLU A 215 -17.41 -1.01 9.03
CA GLU A 215 -17.48 -2.44 8.80
C GLU A 215 -16.37 -2.90 7.89
N ARG A 216 -16.13 -4.21 7.89
CA ARG A 216 -15.37 -4.84 6.83
C ARG A 216 -16.10 -6.13 6.44
N GLU A 217 -15.92 -6.51 5.18
CA GLU A 217 -16.42 -7.77 4.65
C GLU A 217 -15.78 -8.95 5.38
N PRO A 218 -16.61 -9.96 5.70
CA PRO A 218 -16.07 -11.24 6.16
CA PRO A 218 -16.03 -11.20 6.17
C PRO A 218 -15.09 -11.80 5.15
N ILE A 219 -13.99 -12.37 5.63
CA ILE A 219 -12.94 -12.80 4.71
C ILE A 219 -13.42 -13.82 3.68
N ASP A 220 -14.36 -14.69 4.00
CA ASP A 220 -14.83 -15.67 3.00
C ASP A 220 -15.62 -15.02 1.87
N ASN A 221 -16.00 -13.75 2.00
CA ASN A 221 -16.61 -12.97 0.90
C ASN A 221 -15.61 -12.55 -0.13
N PHE A 222 -14.31 -12.46 0.21
CA PHE A 222 -13.31 -11.98 -0.76
C PHE A 222 -12.08 -12.89 -0.90
N VAL A 223 -12.04 -13.99 -0.14
CA VAL A 223 -10.94 -14.97 -0.22
C VAL A 223 -11.48 -16.32 -0.71
N HIS A 224 -10.80 -16.89 -1.68
CA HIS A 224 -11.05 -18.24 -2.14
C HIS A 224 -9.84 -19.07 -1.73
N PHE A 225 -10.10 -20.04 -0.86
CA PHE A 225 -9.09 -20.97 -0.37
C PHE A 225 -9.18 -22.22 -1.26
N ILE A 226 -8.05 -22.61 -1.82
CA ILE A 226 -7.97 -23.80 -2.67
C ILE A 226 -6.83 -24.70 -2.21
N LYS A 227 -7.10 -26.02 -2.15
CA LYS A 227 -6.05 -26.99 -1.79
CA LYS A 227 -6.10 -27.02 -1.75
C LYS A 227 -5.97 -28.19 -2.75
N SER A 228 -7.11 -28.62 -3.25
CA SER A 228 -7.16 -29.90 -3.98
C SER A 228 -6.89 -29.71 -5.45
N TYR A 229 -6.24 -30.71 -6.03
CA TYR A 229 -5.98 -30.77 -7.46
C TYR A 229 -5.75 -32.23 -7.80
N PRO A 230 -6.42 -32.74 -8.86
CA PRO A 230 -7.35 -32.05 -9.82
C PRO A 230 -8.64 -31.46 -9.25
N ALA B 5 2.57 -12.67 23.95
CA ALA B 5 3.00 -11.24 23.83
C ALA B 5 3.54 -10.98 22.43
N PRO B 6 2.69 -10.51 21.48
CA PRO B 6 3.19 -10.30 20.12
C PRO B 6 4.26 -9.22 20.04
N ILE B 7 5.10 -9.32 18.99
CA ILE B 7 6.15 -8.29 18.75
C ILE B 7 5.54 -6.90 18.52
N ASP B 8 6.34 -5.86 18.82
CA ASP B 8 5.84 -4.50 18.70
C ASP B 8 5.83 -4.04 17.26
N ILE B 9 5.06 -2.99 17.03
CA ILE B 9 4.90 -2.49 15.70
C ILE B 9 6.21 -2.16 15.00
N PHE B 10 7.13 -1.53 15.73
CA PHE B 10 8.39 -1.14 15.08
C PHE B 10 9.25 -2.36 14.69
N GLN B 11 9.29 -3.33 15.56
CA GLN B 11 9.99 -4.58 15.26
C GLN B 11 9.41 -5.27 14.04
N SER B 12 8.07 -5.26 13.91
CA SER B 12 7.40 -5.85 12.73
CA SER B 12 7.39 -5.84 12.75
CA SER B 12 7.42 -5.85 12.76
C SER B 12 7.86 -5.14 11.46
N ILE B 13 7.83 -3.82 11.48
CA ILE B 13 8.20 -3.04 10.29
C ILE B 13 9.63 -3.30 9.90
N LEU B 14 10.53 -3.29 10.86
CA LEU B 14 11.96 -3.38 10.56
C LEU B 14 12.47 -4.80 10.30
N SER B 15 11.83 -5.79 10.96
CA SER B 15 12.27 -7.17 10.76
C SER B 15 11.72 -7.81 9.48
N ARG B 16 10.67 -7.25 8.92
CA ARG B 16 10.11 -7.72 7.62
C ARG B 16 11.22 -7.61 6.58
N LYS B 17 11.38 -8.66 5.80
CA LYS B 17 12.24 -8.61 4.61
C LYS B 17 11.65 -9.56 3.62
N SER B 18 12.08 -9.43 2.37
CA SER B 18 11.65 -10.35 1.33
C SER B 18 12.38 -11.64 1.47
N ILE B 19 11.67 -12.69 1.83
CA ILE B 19 12.27 -13.99 2.08
C ILE B 19 12.04 -14.88 0.87
N ARG B 20 13.14 -15.51 0.39
CA ARG B 20 13.12 -16.27 -0.84
C ARG B 20 13.55 -17.73 -0.67
N ALA B 21 13.44 -18.21 0.56
CA ALA B 21 13.66 -19.59 0.89
C ALA B 21 12.95 -19.85 2.23
N PHE B 22 12.18 -20.93 2.24
CA PHE B 22 11.28 -21.28 3.34
C PHE B 22 11.53 -22.68 3.81
N THR B 23 11.18 -22.97 5.07
CA THR B 23 11.19 -24.30 5.59
C THR B 23 9.95 -25.07 5.09
N ASP B 24 9.95 -26.37 5.34
CA ASP B 24 8.78 -27.18 4.98
CA ASP B 24 8.83 -27.22 5.00
C ASP B 24 7.68 -27.16 6.03
N GLN B 25 7.77 -26.28 7.03
CA GLN B 25 6.70 -26.21 8.03
C GLN B 25 5.43 -25.60 7.42
N PRO B 26 4.30 -26.31 7.49
CA PRO B 26 3.08 -25.67 6.98
C PRO B 26 2.53 -24.60 7.91
N VAL B 27 1.72 -23.76 7.31
CA VAL B 27 0.98 -22.71 8.06
C VAL B 27 -0.46 -23.18 8.21
N THR B 28 -0.93 -23.14 9.43
CA THR B 28 -2.33 -23.54 9.68
C THR B 28 -3.31 -22.63 8.97
N GLN B 29 -4.44 -23.22 8.57
CA GLN B 29 -5.49 -22.43 7.99
C GLN B 29 -5.93 -21.37 9.00
N GLU B 30 -5.97 -21.69 10.28
CA GLU B 30 -6.37 -20.70 11.29
C GLU B 30 -5.48 -19.47 11.26
N THR B 31 -4.18 -19.68 11.14
CA THR B 31 -3.25 -18.55 11.10
C THR B 31 -3.38 -17.73 9.81
N ILE B 32 -3.62 -18.41 8.68
CA ILE B 32 -3.82 -17.69 7.42
C ILE B 32 -5.07 -16.82 7.55
N ARG B 33 -6.14 -17.39 8.12
CA ARG B 33 -7.41 -16.65 8.28
C ARG B 33 -7.20 -15.45 9.18
N GLU B 34 -6.50 -15.62 10.29
CA GLU B 34 -6.24 -14.53 11.22
CA GLU B 34 -6.30 -14.48 11.17
C GLU B 34 -5.50 -13.36 10.55
N ILE B 35 -4.48 -13.72 9.76
CA ILE B 35 -3.69 -12.74 9.04
C ILE B 35 -4.59 -11.95 8.10
N LEU B 36 -5.43 -12.66 7.34
CA LEU B 36 -6.32 -12.01 6.37
C LEU B 36 -7.41 -11.17 7.06
N LYS B 37 -7.90 -11.58 8.22
CA LYS B 37 -8.85 -10.77 9.00
C LYS B 37 -8.23 -9.46 9.46
N LEU B 38 -6.93 -9.52 9.82
CA LEU B 38 -6.23 -8.29 10.19
C LEU B 38 -6.05 -7.42 8.96
N ALA B 39 -5.61 -8.02 7.86
CA ALA B 39 -5.40 -7.28 6.63
C ALA B 39 -6.68 -6.61 6.13
N ALA B 40 -7.81 -7.24 6.37
CA ALA B 40 -9.12 -6.68 5.97
C ALA B 40 -9.34 -5.31 6.60
N ARG B 41 -8.70 -5.04 7.72
CA ARG B 41 -8.80 -3.76 8.43
C ARG B 41 -7.91 -2.65 7.86
N ALA B 42 -7.17 -2.90 6.78
CA ALA B 42 -6.60 -1.83 6.06
C ALA B 42 -7.65 -0.84 5.66
N PRO B 43 -7.26 0.41 5.51
CA PRO B 43 -8.12 1.43 4.95
C PRO B 43 -8.15 1.29 3.42
N SER B 44 -9.20 1.90 2.85
CA SER B 44 -9.40 1.94 1.39
C SER B 44 -10.25 3.11 1.08
N GLY B 45 -10.11 3.68 -0.13
CA GLY B 45 -11.00 4.82 -0.47
C GLY B 45 -12.45 4.45 -0.38
N THR B 46 -13.20 5.31 0.32
CA THR B 46 -14.63 5.12 0.66
C THR B 46 -14.92 3.68 1.11
N ASN B 47 -13.94 3.07 1.80
CA ASN B 47 -14.11 1.70 2.35
C ASN B 47 -14.53 0.66 1.27
N LEU B 48 -14.09 0.89 0.04
CA LEU B 48 -14.45 -0.02 -1.08
C LEU B 48 -13.88 -1.43 -0.93
N GLN B 49 -12.77 -1.57 -0.21
CA GLN B 49 -12.17 -2.89 0.05
C GLN B 49 -12.05 -3.68 -1.27
N PRO B 50 -11.28 -3.16 -2.25
CA PRO B 50 -11.25 -3.83 -3.56
C PRO B 50 -10.50 -5.14 -3.62
N TRP B 51 -9.72 -5.43 -2.58
CA TRP B 51 -8.89 -6.60 -2.59
C TRP B 51 -9.69 -7.91 -2.64
N GLN B 52 -9.19 -8.85 -3.46
CA GLN B 52 -9.68 -10.21 -3.51
C GLN B 52 -8.44 -11.12 -3.45
N VAL B 53 -8.56 -12.24 -2.78
CA VAL B 53 -7.36 -13.07 -2.56
C VAL B 53 -7.69 -14.54 -2.90
N ILE B 54 -6.75 -15.24 -3.53
CA ILE B 54 -6.80 -16.68 -3.73
C ILE B 54 -5.66 -17.22 -2.88
N VAL B 55 -5.99 -18.16 -1.99
CA VAL B 55 -5.01 -18.78 -1.11
C VAL B 55 -4.79 -20.20 -1.61
N LEU B 56 -3.54 -20.50 -1.94
CA LEU B 56 -3.13 -21.81 -2.45
C LEU B 56 -2.27 -22.53 -1.44
N THR B 57 -2.64 -23.76 -1.11
CA THR B 57 -1.83 -24.66 -0.31
C THR B 57 -1.88 -26.06 -0.91
N GLY B 58 -1.06 -26.94 -0.37
CA GLY B 58 -1.18 -28.37 -0.67
C GLY B 58 -1.02 -28.69 -2.16
N LYS B 59 -1.85 -29.58 -2.67
CA LYS B 59 -1.69 -30.08 -4.00
C LYS B 59 -1.82 -29.01 -5.08
N ILE B 60 -2.77 -28.09 -4.91
CA ILE B 60 -2.93 -27.07 -5.94
C ILE B 60 -1.73 -26.10 -5.93
N LEU B 61 -1.19 -25.78 -4.75
CA LEU B 61 -0.01 -24.94 -4.71
C LEU B 61 1.17 -25.63 -5.46
N GLN B 62 1.32 -26.90 -5.20
CA GLN B 62 2.37 -27.69 -5.88
C GLN B 62 2.18 -27.65 -7.38
N LYS B 63 0.93 -27.84 -7.84
CA LYS B 63 0.63 -27.87 -9.26
C LYS B 63 0.85 -26.53 -9.93
N VAL B 64 0.38 -25.44 -9.33
CA VAL B 64 0.63 -24.13 -9.89
C VAL B 64 2.11 -23.86 -10.02
N GLY B 65 2.87 -24.15 -8.98
CA GLY B 65 4.30 -23.95 -9.01
C GLY B 65 4.97 -24.76 -10.11
N GLN B 66 4.59 -26.01 -10.21
CA GLN B 66 5.10 -26.87 -11.27
C GLN B 66 4.81 -26.35 -12.66
N GLU B 67 3.54 -26.02 -12.92
CA GLU B 67 3.18 -25.54 -14.24
C GLU B 67 3.93 -24.25 -14.61
N LEU B 68 3.90 -23.28 -13.69
CA LEU B 68 4.46 -21.96 -14.03
C LEU B 68 6.00 -22.01 -14.09
N SER B 69 6.66 -22.69 -13.18
CA SER B 69 8.13 -22.80 -13.24
C SER B 69 8.54 -23.50 -14.51
N GLN B 70 7.80 -24.52 -14.96
CA GLN B 70 8.12 -25.18 -16.21
C GLN B 70 7.96 -24.27 -17.43
N LEU B 71 7.01 -23.33 -17.40
CA LEU B 71 6.95 -22.34 -18.49
C LEU B 71 8.27 -21.57 -18.55
N VAL B 72 8.77 -21.10 -17.40
CA VAL B 72 10.04 -20.37 -17.39
C VAL B 72 11.21 -21.24 -17.96
N LEU B 73 11.34 -22.44 -17.43
CA LEU B 73 12.47 -23.30 -17.80
C LEU B 73 12.39 -23.75 -19.22
N SER B 74 11.20 -23.73 -19.81
CA SER B 74 11.03 -24.13 -21.19
C SER B 74 11.21 -23.00 -22.19
N GLY B 75 11.34 -21.75 -21.71
CA GLY B 75 11.52 -20.62 -22.60
C GLY B 75 10.27 -19.84 -22.92
N ILE B 76 9.16 -20.07 -22.23
CA ILE B 76 7.92 -19.38 -22.58
C ILE B 76 7.93 -17.98 -21.99
N LYS B 77 7.77 -16.96 -22.81
CA LYS B 77 7.93 -15.58 -22.33
C LYS B 77 6.66 -15.12 -21.64
N GLY B 78 6.83 -14.27 -20.64
CA GLY B 78 5.70 -13.64 -19.96
C GLY B 78 4.97 -12.63 -20.83
N GLU B 79 3.71 -12.38 -20.51
CA GLU B 79 2.92 -11.34 -21.19
C GLU B 79 2.10 -10.69 -20.09
N ARG B 80 2.51 -9.51 -19.65
CA ARG B 80 1.81 -8.77 -18.58
C ARG B 80 0.73 -7.90 -19.16
N GLU B 81 -0.34 -7.72 -18.43
CA GLU B 81 -1.38 -6.87 -18.97
C GLU B 81 -1.29 -5.44 -18.47
N TYR B 82 -0.44 -5.21 -17.48
CA TYR B 82 -0.11 -3.85 -17.00
C TYR B 82 1.39 -3.63 -17.05
N HIS B 83 1.78 -2.35 -17.04
CA HIS B 83 3.16 -1.95 -16.82
C HIS B 83 3.40 -1.75 -15.34
N TYR B 84 4.26 -2.58 -14.75
CA TYR B 84 4.56 -2.47 -13.34
C TYR B 84 5.72 -1.53 -13.12
N TYR B 85 6.75 -1.71 -13.92
CA TYR B 85 8.03 -0.98 -13.82
C TYR B 85 8.16 0.08 -14.89
N PRO B 86 9.10 1.03 -14.67
CA PRO B 86 9.26 2.07 -15.63
C PRO B 86 9.59 1.55 -17.05
N ARG B 87 9.07 2.22 -18.05
CA ARG B 87 9.41 1.91 -19.45
CA ARG B 87 9.39 1.93 -19.45
C ARG B 87 10.74 2.56 -19.80
N GLN B 88 11.05 3.69 -19.15
CA GLN B 88 12.31 4.42 -19.28
C GLN B 88 13.04 4.31 -17.96
N TRP B 89 14.17 3.62 -17.97
CA TRP B 89 15.01 3.50 -16.77
C TRP B 89 16.09 4.59 -16.72
N ARG B 90 16.13 5.30 -15.59
CA ARG B 90 17.02 6.40 -15.32
C ARG B 90 17.55 6.22 -13.92
N GLU B 91 18.63 6.93 -13.59
CA GLU B 91 19.01 7.08 -12.19
C GLU B 91 17.98 7.96 -11.50
N PRO B 92 17.77 7.74 -10.20
CA PRO B 92 18.42 6.79 -9.31
C PRO B 92 17.88 5.37 -9.34
N TYR B 93 16.80 5.16 -10.09
CA TYR B 93 16.05 3.89 -10.07
C TYR B 93 16.89 2.75 -10.59
N LEU B 94 17.67 3.03 -11.62
CA LEU B 94 18.53 2.02 -12.18
CA LEU B 94 18.55 2.03 -12.19
C LEU B 94 19.50 1.47 -11.14
N SER B 95 20.13 2.34 -10.36
N SER B 95 20.13 2.34 -10.35
CA SER B 95 21.10 1.87 -9.35
CA SER B 95 21.12 1.84 -9.39
C SER B 95 20.39 1.05 -8.29
C SER B 95 20.45 1.13 -8.21
N ARG B 96 19.21 1.50 -7.86
CA ARG B 96 18.50 0.78 -6.79
C ARG B 96 18.19 -0.64 -7.21
N ARG B 97 17.69 -0.79 -8.44
CA ARG B 97 17.38 -2.13 -8.99
CA ARG B 97 17.38 -2.12 -9.02
C ARG B 97 18.64 -2.96 -9.10
N ARG B 98 19.70 -2.36 -9.64
CA ARG B 98 20.94 -3.13 -9.83
CA ARG B 98 20.97 -3.09 -9.84
C ARG B 98 21.55 -3.60 -8.52
N LYS B 99 21.51 -2.75 -7.50
CA LYS B 99 22.11 -3.14 -6.22
C LYS B 99 21.37 -4.31 -5.60
N VAL B 100 20.03 -4.30 -5.51
CA VAL B 100 19.38 -5.45 -4.88
C VAL B 100 19.58 -6.75 -5.73
N GLY B 101 19.60 -6.60 -7.03
CA GLY B 101 19.79 -7.75 -7.90
C GLY B 101 21.19 -8.33 -7.74
N LEU B 102 22.20 -7.47 -7.76
CA LEU B 102 23.56 -7.93 -7.55
C LEU B 102 23.73 -8.52 -6.16
N ASP B 103 23.05 -7.97 -5.17
CA ASP B 103 23.28 -8.56 -3.80
C ASP B 103 22.58 -9.92 -3.68
N LEU B 104 21.40 -10.08 -4.29
CA LEU B 104 20.75 -11.39 -4.32
C LEU B 104 21.65 -12.42 -5.01
N TYR B 105 22.15 -12.06 -6.18
CA TYR B 105 23.03 -12.97 -6.92
C TYR B 105 24.27 -13.30 -6.16
N LYS B 106 24.86 -12.32 -5.50
CA LYS B 106 26.06 -12.54 -4.69
CA LYS B 106 26.08 -12.60 -4.75
C LYS B 106 25.78 -13.58 -3.61
N SER B 107 24.62 -13.42 -2.94
CA SER B 107 24.26 -14.35 -1.85
C SER B 107 24.16 -15.78 -2.33
N LEU B 108 23.76 -15.94 -3.59
N LEU B 108 23.76 -15.99 -3.58
CA LEU B 108 23.48 -17.22 -4.25
CA LEU B 108 23.58 -17.34 -4.12
C LEU B 108 24.73 -17.81 -4.96
C LEU B 108 24.69 -17.77 -5.07
N GLY B 109 25.79 -17.03 -5.09
CA GLY B 109 26.94 -17.43 -5.86
C GLY B 109 26.73 -17.40 -7.38
N ILE B 110 25.79 -16.59 -7.86
CA ILE B 110 25.52 -16.42 -9.26
C ILE B 110 26.42 -15.35 -9.87
N GLN B 111 27.27 -15.78 -10.78
CA GLN B 111 28.24 -14.87 -11.41
C GLN B 111 27.69 -14.33 -12.71
N LYS B 112 28.32 -13.27 -13.21
CA LYS B 112 28.07 -12.75 -14.57
C LYS B 112 28.27 -13.90 -15.57
N GLY B 113 27.25 -14.12 -16.40
CA GLY B 113 27.31 -15.13 -17.46
C GLY B 113 26.69 -16.48 -17.12
N ASP B 114 26.27 -16.67 -15.86
CA ASP B 114 25.69 -17.95 -15.44
C ASP B 114 24.21 -17.97 -15.86
N GLN B 115 23.94 -18.08 -17.16
N GLN B 115 23.98 -18.08 -17.18
CA GLN B 115 22.59 -17.93 -17.69
CA GLN B 115 22.64 -18.00 -17.78
C GLN B 115 21.64 -19.01 -17.18
C GLN B 115 21.67 -19.00 -17.16
N GLU B 116 22.10 -20.26 -17.05
CA GLU B 116 21.24 -21.34 -16.49
C GLU B 116 20.93 -21.08 -15.02
N LYS B 117 21.90 -20.61 -14.24
CA LYS B 117 21.60 -20.32 -12.83
C LYS B 117 20.64 -19.17 -12.74
N LEU B 119 18.33 -18.32 -14.92
CA LEU B 119 17.00 -18.82 -15.34
C LEU B 119 16.37 -19.64 -14.21
N HIS B 120 17.17 -20.51 -13.58
CA HIS B 120 16.74 -21.31 -12.42
C HIS B 120 16.18 -20.39 -11.33
N GLN B 121 16.94 -19.37 -11.02
CA GLN B 121 16.60 -18.50 -9.89
C GLN B 121 15.36 -17.74 -10.19
N LYS B 122 15.21 -17.31 -11.45
CA LYS B 122 14.00 -16.65 -11.88
C LYS B 122 12.79 -17.59 -11.73
N ALA B 123 12.95 -18.84 -12.16
CA ALA B 123 11.87 -19.82 -12.14
C ALA B 123 11.37 -20.07 -10.70
N LYS B 124 12.27 -19.94 -9.71
CA LYS B 124 11.88 -20.15 -8.31
C LYS B 124 10.75 -19.23 -7.87
N ASN B 125 10.66 -18.04 -8.46
CA ASN B 125 9.52 -17.17 -8.17
C ASN B 125 8.22 -17.86 -8.26
N PHE B 126 8.08 -18.66 -9.31
CA PHE B 126 6.79 -19.23 -9.67
C PHE B 126 6.35 -20.39 -8.82
N LEU B 127 7.27 -20.88 -7.99
CA LEU B 127 7.00 -21.79 -6.87
C LEU B 127 6.76 -21.06 -5.56
N PHE B 128 6.51 -19.77 -5.62
CA PHE B 128 6.47 -18.91 -4.42
C PHE B 128 7.73 -19.21 -3.55
N TYR B 129 8.87 -19.37 -4.19
CA TYR B 129 10.10 -19.62 -3.50
C TYR B 129 10.02 -20.82 -2.55
N GLY B 130 9.15 -21.77 -2.84
CA GLY B 130 9.01 -22.93 -2.00
C GLY B 130 8.18 -22.77 -0.75
N ALA B 131 7.47 -21.67 -0.63
CA ALA B 131 6.64 -21.41 0.57
C ALA B 131 5.50 -22.39 0.61
N PRO B 132 4.93 -22.66 1.81
CA PRO B 132 3.79 -23.55 1.97
C PRO B 132 2.46 -22.88 1.68
N VAL B 133 2.47 -21.58 1.47
CA VAL B 133 1.26 -20.82 1.13
C VAL B 133 1.62 -19.90 0.00
N GLY B 134 0.80 -19.91 -1.04
CA GLY B 134 0.95 -18.90 -2.10
C GLY B 134 -0.35 -18.10 -2.16
N LEU B 135 -0.23 -16.78 -2.19
CA LEU B 135 -1.34 -15.84 -2.31
C LEU B 135 -1.33 -15.20 -3.69
N LEU B 136 -2.50 -15.10 -4.30
CA LEU B 136 -2.67 -14.25 -5.48
C LEU B 136 -3.73 -13.20 -5.22
N PHE B 137 -3.50 -11.98 -5.71
CA PHE B 137 -4.41 -10.84 -5.47
C PHE B 137 -5.03 -10.45 -6.80
N THR B 138 -6.33 -10.26 -6.75
CA THR B 138 -7.13 -9.84 -7.91
C THR B 138 -7.97 -8.64 -7.52
N ILE B 139 -8.37 -7.87 -8.53
N ILE B 139 -8.40 -7.91 -8.55
CA ILE B 139 -9.34 -6.82 -8.30
CA ILE B 139 -9.21 -6.72 -8.41
C ILE B 139 -10.30 -6.76 -9.48
C ILE B 139 -10.30 -6.77 -9.50
N ASP B 140 -11.49 -6.26 -9.22
CA ASP B 140 -12.56 -6.18 -10.22
CA ASP B 140 -12.51 -6.22 -10.26
C ASP B 140 -12.13 -5.28 -11.39
N HIS B 141 -12.62 -5.60 -12.60
CA HIS B 141 -12.33 -4.82 -13.79
C HIS B 141 -12.80 -3.35 -13.76
N ASP B 142 -13.80 -2.99 -12.95
CA ASP B 142 -14.27 -1.61 -12.86
C ASP B 142 -13.40 -0.75 -11.98
N GLU B 144 -10.32 1.46 -10.60
CA GLU B 144 -9.37 2.39 -11.22
C GLU B 144 -8.09 2.48 -10.38
N GLY B 146 -6.88 4.24 -7.89
CA GLY B 146 -6.96 4.30 -6.43
C GLY B 146 -6.93 2.94 -5.78
N SER B 147 -7.50 1.95 -6.46
CA SER B 147 -7.57 0.64 -5.87
CA SER B 147 -7.57 0.60 -5.92
C SER B 147 -6.20 -0.03 -5.77
N TRP B 148 -5.24 0.46 -6.56
CA TRP B 148 -3.87 -0.06 -6.47
C TRP B 148 -3.23 0.47 -5.18
N LEU B 149 -3.52 1.72 -4.78
CA LEU B 149 -3.06 2.21 -3.46
C LEU B 149 -3.62 1.31 -2.40
N ASP B 150 -4.93 1.06 -2.46
CA ASP B 150 -5.68 0.26 -1.48
C ASP B 150 -5.05 -1.14 -1.38
N LEU B 151 -4.77 -1.75 -2.54
CA LEU B 151 -4.26 -3.14 -2.57
C LEU B 151 -2.87 -3.15 -1.92
N GLY B 152 -2.04 -2.13 -2.17
CA GLY B 152 -0.75 -2.02 -1.54
C GLY B 152 -0.85 -1.98 -0.03
N PHE B 154 -3.31 -3.09 1.80
CA PHE B 154 -3.73 -4.42 2.24
C PHE B 154 -2.55 -5.39 2.28
N GLN B 156 0.72 -4.78 2.46
CA GLN B 156 1.70 -4.52 3.51
C GLN B 156 1.10 -4.93 4.87
N THR B 157 -0.19 -4.77 5.08
CA THR B 157 -0.80 -5.24 6.33
C THR B 157 -0.59 -6.73 6.50
N ILE B 158 -0.76 -7.49 5.44
CA ILE B 158 -0.43 -8.95 5.51
C ILE B 158 0.99 -9.17 5.96
N LEU B 160 3.15 -7.29 7.48
CA LEU B 160 3.45 -6.91 8.84
C LEU B 160 2.74 -7.81 9.86
N ALA B 161 1.46 -8.14 9.62
CA ALA B 161 0.77 -9.08 10.49
C ALA B 161 1.48 -10.42 10.53
N ALA B 162 1.99 -10.85 9.39
CA ALA B 162 2.69 -12.13 9.33
C ALA B 162 3.82 -12.18 10.36
N ARG B 163 4.58 -11.08 10.48
CA ARG B 163 5.69 -11.02 11.43
C ARG B 163 5.19 -11.30 12.83
N GLY B 164 3.99 -10.84 13.18
CA GLY B 164 3.41 -11.13 14.47
C GLY B 164 3.16 -12.58 14.84
N PHE B 165 3.03 -13.39 13.79
CA PHE B 165 2.90 -14.82 13.89
C PHE B 165 4.20 -15.58 13.67
N GLY B 166 5.31 -14.84 13.61
CA GLY B 166 6.58 -15.49 13.34
C GLY B 166 6.75 -15.97 11.91
N LEU B 167 5.98 -15.40 10.99
CA LEU B 167 6.00 -15.81 9.60
C LEU B 167 6.61 -14.72 8.74
N ASP B 168 6.84 -15.06 7.47
CA ASP B 168 7.51 -14.14 6.52
C ASP B 168 6.88 -14.25 5.17
N THR B 169 7.23 -13.26 4.35
CA THR B 169 6.60 -13.09 3.06
C THR B 169 7.60 -12.66 2.01
N CYS B 170 7.19 -12.79 0.75
CA CYS B 170 7.81 -12.06 -0.37
C CYS B 170 6.72 -11.62 -1.31
N ALA B 171 6.55 -10.29 -1.46
CA ALA B 171 5.63 -9.79 -2.49
C ALA B 171 6.23 -10.14 -3.84
N GLN B 172 5.36 -10.47 -4.80
CA GLN B 172 5.86 -10.94 -6.12
C GLN B 172 5.01 -10.50 -7.30
N ALA B 173 5.53 -9.55 -8.03
CA ALA B 173 4.90 -9.19 -9.29
C ALA B 173 5.10 -10.22 -10.37
N ALA B 174 6.02 -11.17 -10.17
CA ALA B 174 6.37 -12.13 -11.19
C ALA B 174 5.17 -12.82 -11.80
N PHE B 175 4.19 -13.14 -10.96
CA PHE B 175 3.03 -13.86 -11.40
C PHE B 175 2.24 -13.16 -12.49
N ALA B 176 2.34 -11.83 -12.57
CA ALA B 176 1.70 -11.13 -13.67
C ALA B 176 2.12 -11.59 -15.04
N ASP B 177 3.37 -12.09 -15.19
CA ASP B 177 3.88 -12.69 -16.43
C ASP B 177 2.93 -13.74 -17.02
N TYR B 178 2.28 -14.51 -16.15
CA TYR B 178 1.49 -15.66 -16.60
C TYR B 178 0.04 -15.60 -16.16
N HIS B 179 -0.51 -14.40 -16.17
CA HIS B 179 -1.93 -14.20 -15.81
C HIS B 179 -2.88 -15.05 -16.61
N LYS B 180 -2.61 -15.24 -17.91
CA LYS B 180 -3.50 -16.05 -18.75
C LYS B 180 -3.53 -17.49 -18.29
N GLN B 181 -2.35 -18.06 -18.01
CA GLN B 181 -2.25 -19.44 -17.55
C GLN B 181 -2.85 -19.64 -16.13
N ILE B 182 -2.66 -18.68 -15.25
CA ILE B 182 -3.24 -18.72 -13.91
C ILE B 182 -4.76 -18.69 -13.98
N ARG B 183 -5.31 -17.84 -14.85
CA ARG B 183 -6.77 -17.69 -14.97
C ARG B 183 -7.36 -19.03 -15.39
N SER B 184 -6.71 -19.69 -16.33
CA SER B 184 -7.16 -20.99 -16.83
CA SER B 184 -7.14 -20.99 -16.84
C SER B 184 -7.08 -22.08 -15.75
N LEU B 185 -5.93 -22.17 -15.10
CA LEU B 185 -5.71 -23.20 -14.08
C LEU B 185 -6.63 -23.06 -12.86
N LEU B 186 -6.97 -21.83 -12.47
CA LEU B 186 -7.71 -21.57 -11.22
C LEU B 186 -9.18 -21.12 -11.45
N SER B 187 -9.55 -21.06 -12.71
CA SER B 187 -10.86 -20.56 -13.19
C SER B 187 -11.21 -19.21 -12.60
N VAL B 188 -10.27 -18.28 -12.76
CA VAL B 188 -10.47 -16.93 -12.24
C VAL B 188 -11.53 -16.28 -13.13
N PRO B 189 -12.65 -15.79 -12.53
CA PRO B 189 -13.68 -15.22 -13.35
C PRO B 189 -13.15 -14.04 -14.19
N SER B 190 -13.77 -13.85 -15.35
CA SER B 190 -13.33 -12.92 -16.38
C SER B 190 -13.36 -11.45 -15.97
N ASP B 191 -14.19 -11.10 -15.02
CA ASP B 191 -14.29 -9.70 -14.58
C ASP B 191 -13.26 -9.33 -13.50
N ARG B 192 -12.38 -10.26 -13.15
CA ARG B 192 -11.30 -10.00 -12.19
C ARG B 192 -9.97 -10.04 -12.91
N HIS B 193 -9.05 -9.21 -12.47
CA HIS B 193 -7.68 -9.20 -12.99
C HIS B 193 -6.68 -9.55 -11.95
N ILE B 194 -5.73 -10.41 -12.31
CA ILE B 194 -4.65 -10.81 -11.45
C ILE B 194 -3.62 -9.70 -11.43
N ILE B 195 -3.32 -9.22 -10.23
CA ILE B 195 -2.41 -8.10 -10.06
C ILE B 195 -1.01 -8.55 -9.66
N CYS B 196 -0.92 -9.47 -8.69
CA CYS B 196 0.38 -9.97 -8.26
CA CYS B 196 0.36 -9.74 -8.00
C CYS B 196 0.17 -11.02 -7.19
N GLY B 197 1.28 -11.60 -6.72
CA GLY B 197 1.24 -12.66 -5.75
C GLY B 197 2.08 -12.37 -4.54
N ALA B 199 4.42 -14.90 -1.50
CA ALA B 199 4.75 -16.08 -0.77
C ALA B 199 4.53 -15.85 0.73
N LEU B 200 4.15 -16.90 1.45
CA LEU B 200 3.94 -16.80 2.89
C LEU B 200 4.38 -18.11 3.52
N GLY B 201 5.20 -17.99 4.59
CA GLY B 201 5.73 -19.17 5.24
C GLY B 201 6.74 -18.85 6.30
N TYR B 202 7.39 -19.89 6.83
CA TYR B 202 8.45 -19.74 7.83
C TYR B 202 9.77 -19.64 7.07
N ARG B 203 10.54 -18.58 7.32
CA ARG B 203 11.79 -18.41 6.62
C ARG B 203 12.77 -19.51 7.01
N ASP B 204 13.59 -19.90 6.04
CA ASP B 204 14.76 -20.72 6.30
C ASP B 204 15.87 -19.82 6.79
N ASN B 206 18.80 -20.29 7.61
CA ASN B 206 20.14 -20.62 7.13
C ASN B 206 20.40 -20.35 5.68
N ALA B 207 19.37 -20.02 4.93
CA ALA B 207 19.50 -19.89 3.48
C ALA B 207 20.28 -18.58 3.21
N PRO B 208 21.31 -18.60 2.35
CA PRO B 208 22.08 -17.39 2.17
C PRO B 208 21.25 -16.22 1.62
N GLU B 209 20.27 -16.49 0.78
CA GLU B 209 19.45 -15.42 0.20
C GLU B 209 18.60 -14.73 1.20
N ASN B 210 18.46 -15.32 2.40
CA ASN B 210 17.74 -14.66 3.49
C ASN B 210 18.64 -13.91 4.46
N ASN B 211 19.95 -13.89 4.18
CA ASN B 211 20.95 -13.35 5.09
C ASN B 211 21.76 -12.17 4.54
N PHE B 212 21.15 -11.41 3.64
CA PHE B 212 21.73 -10.15 3.19
C PHE B 212 20.76 -9.03 3.55
N GLU B 213 21.28 -7.81 3.40
CA GLU B 213 20.61 -6.61 3.75
C GLU B 213 20.28 -5.75 2.54
N THR B 214 19.16 -5.08 2.58
CA THR B 214 18.84 -4.08 1.55
C THR B 214 18.99 -2.66 2.10
N GLU B 215 19.38 -1.75 1.22
CA GLU B 215 19.52 -0.33 1.54
C GLU B 215 18.17 0.36 1.50
N ARG B 216 18.07 1.53 2.16
CA ARG B 216 17.01 2.49 1.88
C ARG B 216 17.62 3.89 1.80
N GLU B 217 16.97 4.73 1.03
CA GLU B 217 17.40 6.12 0.92
C GLU B 217 17.29 6.85 2.25
N PRO B 218 18.29 7.69 2.55
CA PRO B 218 18.17 8.60 3.68
C PRO B 218 16.98 9.53 3.48
N ILE B 219 16.28 9.93 4.54
N ILE B 219 16.40 9.98 4.60
CA ILE B 219 15.02 10.63 4.33
CA ILE B 219 15.18 10.79 4.62
C ILE B 219 15.16 12.04 3.71
C ILE B 219 15.23 11.97 3.68
N ASP B 220 16.33 12.68 3.77
CA ASP B 220 16.48 13.95 3.06
C ASP B 220 16.53 13.78 1.52
N ASN B 221 16.78 12.57 1.04
N ASN B 221 16.62 12.50 1.06
CA ASN B 221 16.79 12.39 -0.38
CA ASN B 221 16.46 12.07 -0.38
C ASN B 221 15.40 12.59 -0.94
C ASN B 221 15.02 11.74 -0.83
N PHE B 222 14.36 12.28 -0.15
N PHE B 222 14.11 11.65 0.13
CA PHE B 222 13.02 12.19 -0.71
CA PHE B 222 12.73 11.43 -0.21
C PHE B 222 11.89 12.88 0.07
C PHE B 222 11.72 12.32 0.52
N VAL B 223 12.18 13.33 1.30
CA VAL B 223 11.26 14.16 2.09
C VAL B 223 11.70 15.61 2.01
N HIS B 224 10.74 16.49 1.73
CA HIS B 224 10.94 17.96 1.78
C HIS B 224 10.10 18.49 2.91
N PHE B 225 10.76 19.04 3.90
CA PHE B 225 10.10 19.66 5.04
C PHE B 225 9.96 21.13 4.77
N ILE B 226 8.73 21.62 4.86
CA ILE B 226 8.44 23.03 4.65
C ILE B 226 7.61 23.54 5.88
N LYS B 227 7.97 24.69 6.41
CA LYS B 227 7.15 25.36 7.46
C LYS B 227 6.86 26.83 7.19
N SER B 228 7.71 27.50 6.42
CA SER B 228 7.58 28.98 6.38
C SER B 228 6.72 29.41 5.20
N TYR B 229 5.90 30.44 5.44
CA TYR B 229 5.15 31.09 4.37
C TYR B 229 5.25 32.61 4.52
N PRO B 230 5.82 33.30 3.49
CA PRO B 230 6.35 32.74 2.21
C PRO B 230 7.72 32.03 2.27
#